data_4UI5
#
_entry.id   4UI5
#
_cell.length_a   91.100
_cell.length_b   98.340
_cell.length_c   118.730
_cell.angle_alpha   90.00
_cell.angle_beta   90.00
_cell.angle_gamma   90.00
#
_symmetry.space_group_name_H-M   'C 2 2 21'
#
loop_
_entity.id
_entity.type
_entity.pdbx_description
1 polymer TANKYRASE-2
2 polymer TANKYRASE-2
3 non-polymer 'ZINC ION'
4 non-polymer 'SULFATE ION'
5 non-polymer 8-methoxy-2-(4-methylphenyl)-3,4-dihydroquinazolin-4-one
6 non-polymer GLYCEROL
7 water water
#
loop_
_entity_poly.entity_id
_entity_poly.type
_entity_poly.pdbx_seq_one_letter_code
_entity_poly.pdbx_strand_id
1 'polypeptide(L)'
;MHHHHHHSSGVDLGTENLYFQSMLNTSGSGTILIDLSPDDKEFQSVEEEMQSTVREHRDGGHAGGIFNRYNILKIQKVCN
KKLWERYTHRRKEVSEENHNHANERMLFHGSPFVNAIIHKGFDERHAYIGGMFGAGIYFAENSSKSNQYVYGIGGGTGCP
VHKDRSCYICHRQLLFCRVTLGKSFLQFSAM
;
A,B
2 'polypeptide(L)' MAHSPPGHHSVTGRPSVNGLALAEYVIYRGEQAYPEYLITYQIMRPEG C,D
#
loop_
_chem_comp.id
_chem_comp.type
_chem_comp.name
_chem_comp.formula
BJ4 non-polymer 8-methoxy-2-(4-methylphenyl)-3,4-dihydroquinazolin-4-one 'C16 H14 N2 O2'
GOL non-polymer GLYCEROL 'C3 H8 O3'
SO4 non-polymer 'SULFATE ION' 'O4 S -2'
ZN non-polymer 'ZINC ION' 'Zn 2'
#
# COMPACT_ATOMS: atom_id res chain seq x y z
N GLY A 30 0.68 37.45 2.09
CA GLY A 30 -0.66 37.97 2.41
C GLY A 30 -1.49 37.07 3.31
N THR A 31 -0.89 36.05 3.92
CA THR A 31 -1.63 35.20 4.85
C THR A 31 -1.66 35.74 6.26
N ILE A 32 -2.85 35.78 6.87
CA ILE A 32 -2.95 35.94 8.31
C ILE A 32 -3.61 34.71 8.95
N LEU A 33 -3.23 34.43 10.19
CA LEU A 33 -3.81 33.35 10.96
C LEU A 33 -4.66 33.91 12.09
N ILE A 34 -5.90 33.48 12.17
CA ILE A 34 -6.83 33.94 13.22
C ILE A 34 -7.13 32.77 14.14
N ASP A 35 -6.77 32.92 15.42
CA ASP A 35 -7.06 31.86 16.42
C ASP A 35 -8.53 31.75 16.66
N LEU A 36 -9.05 30.52 16.68
CA LEU A 36 -10.42 30.28 17.09
C LEU A 36 -10.46 30.00 18.56
N SER A 37 -11.48 30.52 19.22
CA SER A 37 -11.71 30.19 20.60
C SER A 37 -12.23 28.76 20.76
N PRO A 38 -11.79 28.03 21.81
CA PRO A 38 -12.39 26.71 22.07
C PRO A 38 -13.90 26.72 22.30
N ASP A 39 -14.45 27.87 22.68
CA ASP A 39 -15.89 28.02 22.88
C ASP A 39 -16.67 28.21 21.59
N ASP A 40 -15.97 28.41 20.48
CA ASP A 40 -16.58 28.71 19.20
C ASP A 40 -17.05 27.42 18.56
N LYS A 41 -18.28 27.39 18.05
CA LYS A 41 -18.82 26.18 17.41
C LYS A 41 -17.92 25.69 16.24
N GLU A 42 -17.23 26.61 15.57
CA GLU A 42 -16.32 26.27 14.47
C GLU A 42 -15.08 25.50 14.95
N PHE A 43 -14.49 25.93 16.06
CA PHE A 43 -13.45 25.16 16.71
C PHE A 43 -13.91 23.77 17.04
N GLN A 44 -15.10 23.68 17.65
CA GLN A 44 -15.60 22.41 18.16
C GLN A 44 -15.92 21.42 17.04
N SER A 45 -16.46 21.90 15.95
CA SER A 45 -16.75 21.00 14.83
C SER A 45 -15.47 20.52 14.13
N VAL A 46 -14.45 21.38 14.02
CA VAL A 46 -13.15 20.99 13.40
C VAL A 46 -12.45 20.00 14.35
N GLU A 47 -12.44 20.29 15.66
CA GLU A 47 -11.85 19.32 16.62
C GLU A 47 -12.54 17.95 16.51
N GLU A 48 -13.85 17.95 16.42
CA GLU A 48 -14.61 16.68 16.40
C GLU A 48 -14.23 15.85 15.15
N GLU A 49 -14.06 16.52 14.00
CA GLU A 49 -13.64 15.80 12.78
C GLU A 49 -12.22 15.23 12.95
N MET A 50 -11.32 16.01 13.54
CA MET A 50 -9.97 15.53 13.85
C MET A 50 -10.01 14.29 14.75
N GLN A 51 -10.75 14.36 15.86
CA GLN A 51 -10.70 13.27 16.84
C GLN A 51 -11.42 12.03 16.34
N SER A 52 -12.55 12.21 15.67
CA SER A 52 -13.46 11.10 15.32
C SER A 52 -12.96 10.28 14.14
N THR A 53 -11.95 10.78 13.43
CA THR A 53 -11.39 10.10 12.26
C THR A 53 -10.01 9.47 12.52
N VAL A 54 -9.61 9.34 13.77
CA VAL A 54 -8.46 8.51 14.13
C VAL A 54 -8.81 7.03 13.92
N ARG A 55 -7.89 6.30 13.32
CA ARG A 55 -7.97 4.84 13.25
C ARG A 55 -6.62 4.21 13.55
N GLU A 56 -6.63 2.88 13.73
CA GLU A 56 -5.39 2.11 13.81
C GLU A 56 -4.85 1.94 12.39
N HIS A 57 -3.52 1.87 12.28
CA HIS A 57 -2.81 1.76 11.02
C HIS A 57 -2.04 0.46 10.95
N ARG A 58 -1.90 -0.04 9.72
CA ARG A 58 -1.34 -1.36 9.47
C ARG A 58 0.14 -1.47 9.84
N ASP A 59 0.81 -0.32 10.02
CA ASP A 59 2.19 -0.30 10.48
C ASP A 59 2.38 -0.34 11.99
N GLY A 60 1.31 -0.55 12.71
CA GLY A 60 1.34 -0.65 14.16
C GLY A 60 1.78 0.65 14.83
N GLY A 61 1.70 1.77 14.12
CA GLY A 61 2.18 3.06 14.64
C GLY A 61 3.55 3.52 14.18
N HIS A 62 4.19 2.73 13.30
CA HIS A 62 5.56 3.03 12.88
C HIS A 62 5.75 4.43 12.35
N ALA A 63 4.87 4.86 11.45
CA ALA A 63 5.05 6.13 10.76
C ALA A 63 4.58 7.30 11.61
N GLY A 64 3.40 7.18 12.19
CA GLY A 64 2.70 8.32 12.83
C GLY A 64 2.70 8.29 14.33
N GLY A 65 3.15 7.17 14.91
CA GLY A 65 3.07 6.98 16.34
C GLY A 65 1.89 6.16 16.86
N ILE A 66 1.96 5.82 18.14
CA ILE A 66 0.91 5.08 18.82
C ILE A 66 -0.01 5.97 19.65
N PHE A 67 -1.28 6.03 19.24
CA PHE A 67 -2.26 6.89 19.88
C PHE A 67 -3.68 6.56 19.41
N ASN A 68 -4.65 6.92 20.25
CA ASN A 68 -6.06 6.81 19.90
C ASN A 68 -6.78 8.14 19.81
N ARG A 69 -6.13 9.20 20.31
CA ARG A 69 -6.70 10.53 20.28
C ARG A 69 -5.59 11.57 20.36
N TYR A 70 -5.98 12.83 20.20
CA TYR A 70 -5.07 13.97 20.22
C TYR A 70 -5.37 14.92 21.38
N ASN A 71 -4.33 15.67 21.75
CA ASN A 71 -4.46 16.89 22.56
C ASN A 71 -4.41 18.06 21.60
N ILE A 72 -5.55 18.67 21.35
CA ILE A 72 -5.62 19.83 20.46
C ILE A 72 -5.16 21.06 21.23
N LEU A 73 -4.16 21.73 20.69
CA LEU A 73 -3.53 22.89 21.35
C LEU A 73 -4.03 24.23 20.79
N LYS A 74 -4.28 24.27 19.48
CA LYS A 74 -4.74 25.47 18.82
C LYS A 74 -5.40 25.12 17.47
N ILE A 75 -6.44 25.88 17.09
CA ILE A 75 -6.98 25.84 15.72
C ILE A 75 -7.04 27.27 15.18
N GLN A 76 -6.37 27.50 14.07
CA GLN A 76 -6.34 28.81 13.43
C GLN A 76 -6.99 28.75 12.04
N LYS A 77 -7.76 29.78 11.72
CA LYS A 77 -8.28 29.96 10.37
CA LYS A 77 -8.29 29.98 10.39
C LYS A 77 -7.21 30.62 9.53
N VAL A 78 -7.02 30.11 8.31
CA VAL A 78 -6.02 30.63 7.38
C VAL A 78 -6.72 31.55 6.41
N CYS A 79 -6.32 32.81 6.41
CA CYS A 79 -6.98 33.84 5.60
CA CYS A 79 -7.00 33.85 5.63
C CYS A 79 -6.02 34.46 4.61
N ASN A 80 -6.29 34.24 3.32
CA ASN A 80 -5.48 34.81 2.26
C ASN A 80 -6.37 35.05 1.04
N LYS A 81 -6.61 36.31 0.71
CA LYS A 81 -7.58 36.66 -0.33
C LYS A 81 -7.17 36.13 -1.71
N LYS A 82 -5.92 36.37 -2.10
CA LYS A 82 -5.40 35.89 -3.37
C LYS A 82 -5.51 34.35 -3.51
N LEU A 83 -5.12 33.62 -2.47
CA LEU A 83 -5.17 32.16 -2.55
C LEU A 83 -6.64 31.66 -2.60
N TRP A 84 -7.51 32.32 -1.86
CA TRP A 84 -8.93 31.97 -1.87
C TRP A 84 -9.52 32.20 -3.27
N GLU A 85 -9.19 33.34 -3.87
CA GLU A 85 -9.73 33.62 -5.20
C GLU A 85 -9.17 32.66 -6.26
N ARG A 86 -7.93 32.23 -6.08
CA ARG A 86 -7.33 31.20 -6.94
C ARG A 86 -8.15 29.88 -6.81
N TYR A 87 -8.47 29.54 -5.58
CA TYR A 87 -9.30 28.34 -5.31
C TYR A 87 -10.70 28.44 -5.96
N THR A 88 -11.42 29.55 -5.73
CA THR A 88 -12.81 29.69 -6.22
C THR A 88 -12.85 29.79 -7.73
N HIS A 89 -11.82 30.38 -8.32
CA HIS A 89 -11.73 30.41 -9.78
C HIS A 89 -11.69 29.01 -10.38
N ARG A 90 -10.81 28.16 -9.84
CA ARG A 90 -10.68 26.79 -10.32
C ARG A 90 -11.95 26.00 -9.99
N ARG A 91 -12.54 26.23 -8.81
CA ARG A 91 -13.74 25.53 -8.40
C ARG A 91 -14.88 25.74 -9.41
N LYS A 92 -15.01 26.98 -9.91
CA LYS A 92 -16.02 27.32 -10.90
C LYS A 92 -15.75 26.63 -12.26
N GLU A 93 -14.49 26.56 -12.66
CA GLU A 93 -14.12 25.83 -13.86
C GLU A 93 -14.53 24.36 -13.77
N VAL A 94 -14.20 23.74 -12.65
CA VAL A 94 -14.54 22.33 -12.45
C VAL A 94 -16.03 22.15 -12.41
N SER A 95 -16.74 22.98 -11.64
CA SER A 95 -18.21 22.89 -11.52
CA SER A 95 -18.19 22.79 -11.52
CA SER A 95 -18.20 22.84 -11.52
C SER A 95 -18.87 22.94 -12.89
N GLU A 96 -18.41 23.89 -13.70
CA GLU A 96 -19.00 24.05 -15.03
C GLU A 96 -18.74 22.86 -15.97
N GLU A 97 -17.68 22.08 -15.70
CA GLU A 97 -17.36 20.84 -16.43
C GLU A 97 -18.06 19.61 -15.85
N ASN A 98 -18.82 19.78 -14.77
CA ASN A 98 -19.39 18.64 -14.04
C ASN A 98 -20.80 18.98 -13.57
N HIS A 99 -21.66 19.38 -14.52
CA HIS A 99 -23.09 19.70 -14.22
C HIS A 99 -23.29 20.52 -12.92
N ASN A 100 -22.54 21.62 -12.82
CA ASN A 100 -22.63 22.56 -11.72
C ASN A 100 -22.38 21.90 -10.36
N HIS A 101 -21.43 20.97 -10.32
CA HIS A 101 -21.12 20.23 -9.09
C HIS A 101 -19.61 20.18 -8.89
N ALA A 102 -19.13 20.97 -7.95
CA ALA A 102 -17.70 20.98 -7.59
C ALA A 102 -17.26 19.70 -6.88
N ASN A 103 -18.19 19.03 -6.19
CA ASN A 103 -17.89 17.84 -5.38
C ASN A 103 -16.80 18.21 -4.36
N GLU A 104 -17.12 19.25 -3.56
CA GLU A 104 -16.18 19.78 -2.60
C GLU A 104 -16.25 19.05 -1.27
N ARG A 105 -15.08 18.71 -0.74
CA ARG A 105 -14.93 18.00 0.51
C ARG A 105 -14.04 18.79 1.48
N MET A 106 -14.12 18.44 2.76
CA MET A 106 -13.16 18.92 3.75
C MET A 106 -12.28 17.74 4.16
N LEU A 107 -10.98 17.84 3.91
CA LEU A 107 -10.07 16.70 4.05
C LEU A 107 -8.78 17.13 4.76
N PHE A 108 -8.10 16.19 5.38
CA PHE A 108 -6.83 16.46 6.03
C PHE A 108 -5.63 16.38 5.11
N HIS A 109 -4.59 17.17 5.43
CA HIS A 109 -3.29 17.10 4.77
C HIS A 109 -2.19 17.29 5.80
N GLY A 110 -1.31 16.29 5.90
CA GLY A 110 -0.07 16.44 6.68
C GLY A 110 1.14 16.51 5.74
N SER A 111 2.11 17.35 6.09
CA SER A 111 3.25 17.58 5.18
C SER A 111 4.37 18.26 5.92
N PRO A 112 5.61 17.95 5.55
CA PRO A 112 6.71 18.79 6.05
C PRO A 112 6.66 20.22 5.57
N PHE A 113 5.85 20.52 4.56
CA PHE A 113 5.82 21.83 3.90
C PHE A 113 4.62 22.69 4.33
N VAL A 114 4.02 22.35 5.46
CA VAL A 114 2.84 23.08 5.96
C VAL A 114 3.06 24.62 5.99
N ASN A 115 4.23 25.07 6.43
CA ASN A 115 4.55 26.51 6.41
CA ASN A 115 4.53 26.53 6.42
C ASN A 115 4.50 27.17 5.04
N ALA A 116 5.12 26.54 4.03
CA ALA A 116 5.08 27.07 2.69
C ALA A 116 3.63 27.06 2.16
N ILE A 117 2.91 25.99 2.45
CA ILE A 117 1.55 25.83 1.92
C ILE A 117 0.63 26.98 2.37
N ILE A 118 0.67 27.35 3.64
CA ILE A 118 -0.28 28.32 4.15
C ILE A 118 0.09 29.74 3.66
N HIS A 119 1.35 29.93 3.29
CA HIS A 119 1.77 31.23 2.76
C HIS A 119 1.69 31.40 1.27
N LYS A 120 1.95 30.32 0.54
CA LYS A 120 2.12 30.38 -0.91
C LYS A 120 1.06 29.59 -1.67
N GLY A 121 0.30 28.75 -0.96
CA GLY A 121 -0.69 27.87 -1.59
C GLY A 121 -0.10 26.53 -1.96
N PHE A 122 -0.97 25.56 -2.27
CA PHE A 122 -0.51 24.29 -2.78
C PHE A 122 0.00 24.43 -4.23
N ASP A 123 1.07 23.72 -4.54
CA ASP A 123 1.58 23.64 -5.91
C ASP A 123 2.38 22.35 -6.10
N GLU A 124 2.97 22.17 -7.29
CA GLU A 124 3.72 20.92 -7.60
C GLU A 124 4.81 20.52 -6.61
N ARG A 125 5.41 21.48 -5.91
CA ARG A 125 6.40 21.20 -4.87
C ARG A 125 5.83 20.41 -3.69
N HIS A 126 4.52 20.40 -3.55
CA HIS A 126 3.86 19.73 -2.42
C HIS A 126 3.31 18.35 -2.74
N ALA A 127 3.53 17.91 -3.96
CA ALA A 127 3.09 16.58 -4.44
C ALA A 127 3.90 15.43 -3.84
N TYR A 128 3.24 14.29 -3.70
CA TYR A 128 3.90 13.04 -3.32
C TYR A 128 4.29 12.34 -4.62
N ILE A 129 5.53 12.58 -5.03
CA ILE A 129 6.02 12.15 -6.36
C ILE A 129 5.88 10.62 -6.49
N GLY A 130 6.18 9.90 -5.42
CA GLY A 130 6.13 8.43 -5.45
C GLY A 130 4.82 7.80 -5.00
N GLY A 131 3.74 8.58 -4.93
CA GLY A 131 2.48 8.06 -4.42
C GLY A 131 1.86 7.00 -5.33
N MET A 132 1.08 6.11 -4.74
CA MET A 132 0.49 4.96 -5.47
C MET A 132 -0.42 5.39 -6.62
N PHE A 133 -0.92 6.61 -6.56
CA PHE A 133 -1.80 7.15 -7.60
C PHE A 133 -1.13 8.20 -8.45
N GLY A 134 0.20 8.18 -8.49
CA GLY A 134 0.96 9.11 -9.28
C GLY A 134 1.26 10.39 -8.52
N ALA A 135 2.04 11.24 -9.16
CA ALA A 135 2.52 12.44 -8.56
C ALA A 135 1.42 13.46 -8.53
N GLY A 136 0.82 13.57 -7.37
CA GLY A 136 -0.17 14.57 -7.12
C GLY A 136 -0.16 14.93 -5.63
N ILE A 137 -1.14 15.73 -5.23
CA ILE A 137 -1.26 16.17 -3.83
C ILE A 137 -2.34 15.35 -3.14
N TYR A 138 -1.98 14.70 -2.05
CA TYR A 138 -2.76 13.65 -1.41
C TYR A 138 -3.44 14.19 -0.16
N PHE A 139 -4.69 13.79 0.01
CA PHE A 139 -5.52 14.14 1.17
C PHE A 139 -6.21 12.92 1.77
N ALA A 140 -6.55 12.99 3.06
CA ALA A 140 -7.17 11.87 3.76
C ALA A 140 -8.46 12.28 4.49
N GLU A 141 -9.43 11.38 4.48
CA GLU A 141 -10.56 11.44 5.41
C GLU A 141 -10.15 11.15 6.86
N ASN A 142 -9.23 10.21 7.07
CA ASN A 142 -8.72 9.88 8.41
C ASN A 142 -7.62 10.87 8.79
N SER A 143 -7.85 11.67 9.82
CA SER A 143 -6.78 12.57 10.28
C SER A 143 -5.50 11.80 10.62
N SER A 144 -5.63 10.58 11.15
CA SER A 144 -4.45 9.78 11.50
C SER A 144 -3.61 9.31 10.30
N LYS A 145 -4.23 9.18 9.14
CA LYS A 145 -3.47 8.95 7.90
C LYS A 145 -2.60 10.17 7.58
N SER A 146 -3.16 11.38 7.56
CA SER A 146 -2.34 12.59 7.35
C SER A 146 -1.26 12.78 8.41
N ASN A 147 -1.54 12.41 9.66
CA ASN A 147 -0.52 12.45 10.75
C ASN A 147 0.77 11.65 10.41
N GLN A 148 0.65 10.60 9.61
CA GLN A 148 1.82 9.82 9.19
C GLN A 148 2.80 10.60 8.32
N TYR A 149 2.40 11.76 7.79
CA TYR A 149 3.24 12.53 6.84
C TYR A 149 3.75 13.86 7.40
N VAL A 150 3.41 14.17 8.65
CA VAL A 150 3.81 15.42 9.35
CA VAL A 150 3.80 15.47 9.21
C VAL A 150 5.33 15.61 9.30
N TYR A 151 6.03 14.51 9.54
CA TYR A 151 7.51 14.52 9.63
C TYR A 151 8.14 13.93 8.36
N GLY A 152 7.34 13.80 7.30
CA GLY A 152 7.79 13.40 5.99
C GLY A 152 7.21 12.05 5.59
N ILE A 153 7.56 11.57 4.40
CA ILE A 153 7.10 10.27 3.91
C ILE A 153 7.55 9.18 4.88
N GLY A 154 6.62 8.35 5.32
CA GLY A 154 6.90 7.28 6.26
C GLY A 154 7.19 7.77 7.67
N GLY A 155 6.85 9.02 7.97
CA GLY A 155 7.22 9.63 9.24
C GLY A 155 8.65 10.16 9.26
N GLY A 156 9.38 10.04 8.15
CA GLY A 156 10.80 10.43 8.09
C GLY A 156 11.58 9.88 9.26
N THR A 157 12.32 10.74 9.94
CA THR A 157 13.04 10.35 11.15
C THR A 157 12.34 10.82 12.45
N GLY A 158 11.07 11.21 12.35
CA GLY A 158 10.35 11.64 13.49
C GLY A 158 10.61 13.11 13.79
N CYS A 159 10.29 13.50 15.01
CA CYS A 159 10.33 14.92 15.37
C CYS A 159 11.78 15.43 15.30
N PRO A 160 11.97 16.72 14.98
CA PRO A 160 13.34 17.26 14.89
C PRO A 160 14.12 17.17 16.20
N VAL A 161 13.41 17.30 17.31
CA VAL A 161 14.05 17.45 18.62
C VAL A 161 14.50 16.09 19.17
N HIS A 162 13.64 15.07 19.09
CA HIS A 162 13.95 13.77 19.69
C HIS A 162 14.16 12.63 18.69
N LYS A 163 13.92 12.88 17.40
CA LYS A 163 14.00 11.84 16.36
C LYS A 163 13.05 10.68 16.65
N ASP A 164 11.83 11.01 17.07
CA ASP A 164 10.91 10.04 17.54
C ASP A 164 9.62 10.20 16.74
N ARG A 165 9.34 9.24 15.86
CA ARG A 165 8.05 9.23 15.14
C ARG A 165 6.82 9.16 16.05
N SER A 166 6.95 8.64 17.28
CA SER A 166 5.86 8.60 18.24
C SER A 166 5.99 9.62 19.38
N CYS A 167 6.69 10.71 19.12
CA CYS A 167 6.88 11.75 20.12
C CYS A 167 5.54 12.25 20.65
N TYR A 168 5.42 12.28 21.98
CA TYR A 168 4.22 12.74 22.69
C TYR A 168 4.45 14.17 23.21
N ILE A 169 5.65 14.71 23.01
CA ILE A 169 5.98 16.04 23.56
C ILE A 169 5.85 17.13 22.51
N CYS A 170 6.42 16.89 21.34
CA CYS A 170 6.58 17.88 20.31
C CYS A 170 5.24 18.23 19.65
N HIS A 171 5.10 19.48 19.29
CA HIS A 171 3.87 19.98 18.64
C HIS A 171 3.89 19.65 17.17
N ARG A 172 2.77 19.10 16.70
CA ARG A 172 2.58 18.76 15.31
C ARG A 172 1.53 19.67 14.73
N GLN A 173 1.54 19.82 13.41
CA GLN A 173 0.50 20.59 12.70
C GLN A 173 -0.07 19.82 11.52
N LEU A 174 -1.39 19.88 11.36
CA LEU A 174 -2.08 19.34 10.18
C LEU A 174 -2.89 20.48 9.59
N LEU A 175 -3.19 20.37 8.30
CA LEU A 175 -4.17 21.26 7.64
C LEU A 175 -5.50 20.53 7.45
N PHE A 176 -6.58 21.23 7.69
CA PHE A 176 -7.92 20.76 7.30
C PHE A 176 -8.35 21.65 6.15
N CYS A 177 -8.53 21.05 4.98
CA CYS A 177 -8.52 21.79 3.72
C CYS A 177 -9.84 21.61 2.98
N ARG A 178 -10.21 22.64 2.24
CA ARG A 178 -11.32 22.60 1.31
C ARG A 178 -10.80 22.15 -0.04
N VAL A 179 -11.35 21.03 -0.54
CA VAL A 179 -10.81 20.38 -1.76
C VAL A 179 -11.90 20.14 -2.81
N THR A 180 -11.63 20.56 -4.04
CA THR A 180 -12.55 20.31 -5.16
C THR A 180 -12.16 19.00 -5.84
N LEU A 181 -13.04 18.00 -5.82
CA LEU A 181 -12.78 16.72 -6.48
C LEU A 181 -13.31 16.63 -7.92
N GLY A 182 -14.32 17.41 -8.24
CA GLY A 182 -15.04 17.26 -9.50
C GLY A 182 -15.45 15.82 -9.75
N LYS A 183 -15.26 15.39 -11.00
CA LYS A 183 -15.47 14.00 -11.37
C LYS A 183 -14.24 13.21 -10.99
N SER A 184 -14.39 12.28 -10.04
CA SER A 184 -13.24 11.61 -9.46
C SER A 184 -13.14 10.21 -9.98
N PHE A 185 -11.94 9.81 -10.39
CA PHE A 185 -11.67 8.46 -10.86
C PHE A 185 -11.50 7.51 -9.69
N LEU A 186 -12.37 6.49 -9.63
CA LEU A 186 -12.39 5.55 -8.52
CA LEU A 186 -12.38 5.55 -8.50
C LEU A 186 -11.41 4.40 -8.74
N GLN A 187 -10.42 4.30 -7.85
CA GLN A 187 -9.48 3.19 -7.77
C GLN A 187 -9.76 2.35 -6.56
N PHE A 188 -10.04 1.05 -6.78
CA PHE A 188 -10.31 0.13 -5.70
C PHE A 188 -8.91 -0.39 -5.32
N SER A 189 -8.55 -0.44 -4.04
CA SER A 189 -7.16 -0.90 -3.72
C SER A 189 -6.92 -1.30 -2.28
N ALA A 190 -5.86 -2.08 -2.07
CA ALA A 190 -5.45 -2.50 -0.72
C ALA A 190 -4.68 -1.35 -0.03
N GLY B 30 0.37 -10.10 16.55
CA GLY B 30 -0.22 -9.56 15.31
C GLY B 30 0.82 -9.12 14.29
N THR B 31 0.35 -9.00 13.07
CA THR B 31 1.21 -8.61 11.97
C THR B 31 1.24 -7.12 11.85
N ILE B 32 2.42 -6.59 11.61
CA ILE B 32 2.55 -5.21 11.18
C ILE B 32 3.30 -5.16 9.85
N LEU B 33 2.93 -4.16 9.05
CA LEU B 33 3.48 -3.96 7.75
C LEU B 33 4.28 -2.66 7.72
N ILE B 34 5.55 -2.75 7.31
CA ILE B 34 6.46 -1.61 7.29
C ILE B 34 6.84 -1.24 5.86
N ASP B 35 6.50 -0.03 5.45
CA ASP B 35 6.78 0.38 4.07
C ASP B 35 8.27 0.56 3.87
N LEU B 36 8.77 0.03 2.78
CA LEU B 36 10.15 0.29 2.35
C LEU B 36 10.19 1.51 1.44
N SER B 37 11.19 2.36 1.62
CA SER B 37 11.40 3.47 0.70
C SER B 37 11.97 2.99 -0.65
N PRO B 38 11.50 3.55 -1.77
CA PRO B 38 12.11 3.21 -3.07
C PRO B 38 13.58 3.58 -3.18
N ASP B 39 14.07 4.48 -2.31
CA ASP B 39 15.50 4.80 -2.28
C ASP B 39 16.38 3.79 -1.53
N ASP B 40 15.75 2.83 -0.86
CA ASP B 40 16.38 1.81 -0.03
C ASP B 40 16.86 0.67 -0.97
N LYS B 41 18.07 0.18 -0.74
CA LYS B 41 18.57 -0.97 -1.51
C LYS B 41 17.69 -2.20 -1.40
N GLU B 42 17.07 -2.38 -0.24
CA GLU B 42 16.19 -3.53 -0.02
C GLU B 42 14.97 -3.49 -0.97
N PHE B 43 14.34 -2.32 -1.06
CA PHE B 43 13.25 -2.12 -2.04
C PHE B 43 13.72 -2.45 -3.45
N GLN B 44 14.88 -1.90 -3.81
CA GLN B 44 15.38 -2.00 -5.17
C GLN B 44 15.73 -3.44 -5.53
N SER B 45 16.23 -4.19 -4.55
CA SER B 45 16.54 -5.59 -4.76
C SER B 45 15.27 -6.43 -5.02
N VAL B 46 14.23 -6.21 -4.25
CA VAL B 46 12.95 -6.93 -4.44
C VAL B 46 12.36 -6.53 -5.78
N GLU B 47 12.32 -5.24 -6.12
CA GLU B 47 11.81 -4.85 -7.42
C GLU B 47 12.56 -5.54 -8.56
N GLU B 48 13.88 -5.58 -8.46
CA GLU B 48 14.66 -6.20 -9.54
C GLU B 48 14.36 -7.70 -9.64
N GLU B 49 14.14 -8.37 -8.51
CA GLU B 49 13.73 -9.78 -8.56
C GLU B 49 12.38 -9.94 -9.25
N MET B 50 11.41 -9.06 -8.94
CA MET B 50 10.15 -9.11 -9.65
C MET B 50 10.31 -8.92 -11.17
N GLN B 51 10.96 -7.84 -11.54
CA GLN B 51 11.03 -7.43 -12.94
C GLN B 51 11.84 -8.41 -13.78
N SER B 52 12.93 -8.88 -13.22
CA SER B 52 13.87 -9.75 -13.97
C SER B 52 13.38 -11.17 -14.15
N THR B 53 12.32 -11.57 -13.44
CA THR B 53 11.78 -12.94 -13.56
C THR B 53 10.41 -12.97 -14.26
N VAL B 54 10.05 -11.90 -14.96
CA VAL B 54 8.91 -11.98 -15.89
C VAL B 54 9.32 -12.80 -17.11
N ARG B 55 8.43 -13.70 -17.55
CA ARG B 55 8.61 -14.43 -18.80
C ARG B 55 7.27 -14.49 -19.54
N GLU B 56 7.33 -15.00 -20.77
CA GLU B 56 6.13 -15.27 -21.57
C GLU B 56 5.57 -16.58 -21.08
N HIS B 57 4.24 -16.70 -21.15
CA HIS B 57 3.53 -17.88 -20.74
C HIS B 57 2.83 -18.50 -21.94
N ARG B 58 2.74 -19.81 -21.89
CA ARG B 58 2.18 -20.62 -22.99
CA ARG B 58 2.17 -20.62 -22.97
C ARG B 58 0.70 -20.36 -23.25
N ASP B 59 -0.03 -19.75 -22.31
CA ASP B 59 -1.43 -19.35 -22.53
C ASP B 59 -1.60 -18.01 -23.21
N GLY B 60 -0.51 -17.43 -23.67
CA GLY B 60 -0.56 -16.17 -24.39
C GLY B 60 -1.00 -15.01 -23.54
N GLY B 61 -0.95 -15.17 -22.22
CA GLY B 61 -1.52 -14.17 -21.28
C GLY B 61 -2.90 -14.39 -20.74
N HIS B 62 -3.52 -15.52 -21.09
CA HIS B 62 -4.88 -15.78 -20.67
C HIS B 62 -5.10 -15.67 -19.14
N ALA B 63 -4.26 -16.29 -18.34
CA ALA B 63 -4.50 -16.33 -16.90
C ALA B 63 -4.04 -15.05 -16.23
N GLY B 64 -2.83 -14.59 -16.54
CA GLY B 64 -2.19 -13.47 -15.81
C GLY B 64 -2.18 -12.11 -16.48
N GLY B 65 -2.52 -12.09 -17.76
CA GLY B 65 -2.44 -10.89 -18.58
C GLY B 65 -1.25 -10.77 -19.51
N ILE B 66 -1.30 -9.77 -20.39
CA ILE B 66 -0.24 -9.51 -21.34
C ILE B 66 0.65 -8.35 -20.86
N PHE B 67 1.90 -8.67 -20.59
CA PHE B 67 2.85 -7.70 -20.03
C PHE B 67 4.23 -8.26 -20.08
N ASN B 68 5.20 -7.33 -20.14
CA ASN B 68 6.62 -7.61 -20.04
C ASN B 68 7.28 -7.08 -18.76
N ARG B 69 6.60 -6.18 -18.07
CA ARG B 69 7.11 -5.58 -16.85
C ARG B 69 5.95 -5.09 -15.97
N TYR B 70 6.28 -4.69 -14.75
CA TYR B 70 5.31 -4.21 -13.74
C TYR B 70 5.56 -2.76 -13.41
N ASN B 71 4.51 -2.12 -12.96
CA ASN B 71 4.66 -0.86 -12.20
C ASN B 71 4.56 -1.18 -10.70
N ILE B 72 5.68 -1.13 -10.00
CA ILE B 72 5.70 -1.43 -8.56
C ILE B 72 5.22 -0.19 -7.80
N LEU B 73 4.18 -0.35 -7.00
CA LEU B 73 3.54 0.75 -6.28
C LEU B 73 3.97 0.84 -4.83
N LYS B 74 4.16 -0.31 -4.19
CA LYS B 74 4.57 -0.36 -2.78
C LYS B 74 5.23 -1.70 -2.48
N ILE B 75 6.21 -1.69 -1.58
CA ILE B 75 6.78 -2.92 -1.03
C ILE B 75 6.82 -2.78 0.49
N GLN B 76 6.14 -3.70 1.17
CA GLN B 76 6.08 -3.72 2.65
C GLN B 76 6.77 -4.95 3.21
N LYS B 77 7.51 -4.74 4.29
CA LYS B 77 8.00 -5.85 5.10
C LYS B 77 6.92 -6.32 6.03
N VAL B 78 6.77 -7.64 6.14
CA VAL B 78 5.71 -8.26 6.94
C VAL B 78 6.35 -8.77 8.24
N CYS B 79 5.94 -8.23 9.38
CA CYS B 79 6.55 -8.55 10.66
C CYS B 79 5.52 -9.17 11.59
N ASN B 80 5.77 -10.43 11.98
CA ASN B 80 4.91 -11.10 12.93
C ASN B 80 5.81 -12.04 13.75
N LYS B 81 5.96 -11.74 15.05
CA LYS B 81 6.92 -12.48 15.89
C LYS B 81 6.52 -13.95 16.03
N LYS B 82 5.25 -14.19 16.31
CA LYS B 82 4.72 -15.54 16.43
C LYS B 82 4.95 -16.36 15.14
N LEU B 83 4.59 -15.79 13.99
CA LEU B 83 4.75 -16.50 12.71
C LEU B 83 6.22 -16.73 12.38
N TRP B 84 7.08 -15.77 12.74
CA TRP B 84 8.51 -15.94 12.50
C TRP B 84 9.05 -17.12 13.32
N GLU B 85 8.60 -17.21 14.58
CA GLU B 85 9.10 -18.24 15.48
C GLU B 85 8.60 -19.61 15.05
N ARG B 86 7.36 -19.68 14.57
CA ARG B 86 6.82 -20.91 13.97
C ARG B 86 7.68 -21.36 12.78
N TYR B 87 7.97 -20.40 11.89
CA TYR B 87 8.87 -20.65 10.74
C TYR B 87 10.28 -21.14 11.17
N THR B 88 10.94 -20.44 12.08
CA THR B 88 12.33 -20.80 12.45
C THR B 88 12.43 -22.12 13.22
N HIS B 89 11.39 -22.44 13.97
CA HIS B 89 11.31 -23.73 14.67
C HIS B 89 11.29 -24.87 13.64
N ARG B 90 10.48 -24.72 12.61
CA ARG B 90 10.36 -25.76 11.58
C ARG B 90 11.64 -25.80 10.76
N ARG B 91 12.19 -24.63 10.45
CA ARG B 91 13.45 -24.59 9.68
C ARG B 91 14.58 -25.38 10.36
N LYS B 92 14.63 -25.27 11.69
CA LYS B 92 15.64 -25.98 12.49
C LYS B 92 15.45 -27.48 12.44
N GLU B 93 14.20 -27.92 12.54
CA GLU B 93 13.84 -29.34 12.43
C GLU B 93 14.25 -29.86 11.06
N VAL B 94 13.90 -29.13 10.01
CA VAL B 94 14.21 -29.57 8.67
C VAL B 94 15.73 -29.57 8.42
N SER B 95 16.42 -28.52 8.86
CA SER B 95 17.86 -28.43 8.68
C SER B 95 18.54 -29.63 9.34
N GLU B 96 18.09 -30.00 10.53
CA GLU B 96 18.76 -31.11 11.23
C GLU B 96 18.48 -32.44 10.55
N GLU B 97 17.27 -32.63 10.03
CA GLU B 97 16.93 -33.82 9.27
C GLU B 97 17.74 -33.91 7.98
N ASN B 98 18.05 -32.75 7.41
CA ASN B 98 18.80 -32.70 6.14
C ASN B 98 20.28 -32.41 6.34
N HIS B 99 20.85 -32.92 7.42
CA HIS B 99 22.28 -32.85 7.67
C HIS B 99 22.83 -31.43 7.68
N ASN B 100 22.11 -30.59 8.44
CA ASN B 100 22.44 -29.18 8.69
CA ASN B 100 22.45 -29.18 8.67
C ASN B 100 22.35 -28.31 7.43
N HIS B 101 21.31 -28.55 6.63
CA HIS B 101 21.06 -27.75 5.42
C HIS B 101 19.58 -27.46 5.27
N ALA B 102 19.17 -26.22 5.55
CA ALA B 102 17.76 -25.85 5.42
C ALA B 102 17.31 -25.71 3.94
N ASN B 103 18.25 -25.38 3.07
CA ASN B 103 17.98 -25.18 1.63
C ASN B 103 16.87 -24.13 1.49
N GLU B 104 17.15 -22.98 2.07
CA GLU B 104 16.19 -21.87 2.16
C GLU B 104 16.32 -20.95 0.94
N ARG B 105 15.16 -20.60 0.36
CA ARG B 105 15.08 -19.80 -0.85
C ARG B 105 14.14 -18.61 -0.61
N MET B 106 14.24 -17.62 -1.49
CA MET B 106 13.25 -16.55 -1.59
C MET B 106 12.50 -16.80 -2.89
N LEU B 107 11.17 -16.92 -2.78
CA LEU B 107 10.29 -17.32 -3.87
C LEU B 107 8.98 -16.56 -3.86
N PHE B 108 8.39 -16.41 -5.03
CA PHE B 108 7.06 -15.72 -5.15
C PHE B 108 5.85 -16.61 -4.82
N HIS B 109 4.80 -15.97 -4.29
CA HIS B 109 3.52 -16.63 -4.08
C HIS B 109 2.39 -15.65 -4.42
N GLY B 110 1.53 -16.06 -5.35
CA GLY B 110 0.31 -15.32 -5.71
C GLY B 110 -0.88 -16.14 -5.25
N SER B 111 -1.91 -15.50 -4.70
CA SER B 111 -3.04 -16.22 -4.12
C SER B 111 -4.21 -15.29 -3.86
N PRO B 112 -5.43 -15.79 -4.07
CA PRO B 112 -6.58 -15.00 -3.59
C PRO B 112 -6.64 -14.87 -2.06
N PHE B 113 -5.82 -15.63 -1.33
CA PHE B 113 -5.83 -15.59 0.14
C PHE B 113 -4.70 -14.75 0.76
N VAL B 114 -4.03 -13.92 -0.05
CA VAL B 114 -2.89 -13.11 0.43
C VAL B 114 -3.21 -12.34 1.74
N ASN B 115 -4.40 -11.75 1.84
CA ASN B 115 -4.79 -10.99 3.05
CA ASN B 115 -4.72 -10.97 3.03
C ASN B 115 -4.79 -11.88 4.28
N ALA B 116 -5.31 -13.08 4.15
CA ALA B 116 -5.32 -14.04 5.25
C ALA B 116 -3.93 -14.58 5.59
N ILE B 117 -3.09 -14.79 4.58
CA ILE B 117 -1.79 -15.36 4.79
C ILE B 117 -0.88 -14.45 5.63
N ILE B 118 -0.91 -13.16 5.37
CA ILE B 118 -0.03 -12.25 6.09
C ILE B 118 -0.45 -12.08 7.56
N HIS B 119 -1.69 -12.39 7.88
CA HIS B 119 -2.17 -12.30 9.28
C HIS B 119 -2.10 -13.60 10.05
N LYS B 120 -2.37 -14.70 9.36
CA LYS B 120 -2.54 -15.99 10.03
C LYS B 120 -1.43 -16.97 9.70
N GLY B 121 -0.62 -16.66 8.69
CA GLY B 121 0.44 -17.56 8.22
C GLY B 121 -0.08 -18.54 7.21
N PHE B 122 0.82 -19.25 6.54
CA PHE B 122 0.40 -20.29 5.61
C PHE B 122 -0.10 -21.53 6.37
N ASP B 123 -1.17 -22.13 5.85
CA ASP B 123 -1.64 -23.46 6.30
C ASP B 123 -2.37 -24.18 5.17
N GLU B 124 -3.03 -25.29 5.50
CA GLU B 124 -3.69 -26.13 4.46
C GLU B 124 -4.79 -25.41 3.62
N ARG B 125 -5.41 -24.36 4.17
CA ARG B 125 -6.40 -23.57 3.41
C ARG B 125 -5.76 -22.91 2.18
N HIS B 126 -4.44 -22.78 2.19
CA HIS B 126 -3.74 -22.05 1.10
C HIS B 126 -3.10 -22.95 0.07
N ALA B 127 -3.31 -24.25 0.20
CA ALA B 127 -2.77 -25.21 -0.75
C ALA B 127 -3.53 -25.24 -2.06
N TYR B 128 -2.83 -25.61 -3.12
CA TYR B 128 -3.41 -25.88 -4.44
C TYR B 128 -3.67 -27.38 -4.51
N ILE B 129 -4.92 -27.74 -4.22
CA ILE B 129 -5.29 -29.15 -4.08
C ILE B 129 -5.09 -29.90 -5.39
N GLY B 130 -5.40 -29.25 -6.51
CA GLY B 130 -5.24 -29.89 -7.83
C GLY B 130 -3.93 -29.68 -8.55
N GLY B 131 -2.89 -29.22 -7.84
CA GLY B 131 -1.63 -28.91 -8.48
C GLY B 131 -0.94 -30.17 -8.99
N MET B 132 -0.26 -30.02 -10.11
CA MET B 132 0.35 -31.15 -10.84
C MET B 132 1.55 -31.79 -10.15
N PHE B 133 2.06 -31.15 -9.09
CA PHE B 133 3.16 -31.70 -8.30
C PHE B 133 2.66 -32.12 -6.91
N GLY B 134 1.33 -32.28 -6.76
CA GLY B 134 0.67 -32.68 -5.49
C GLY B 134 -0.13 -31.58 -4.76
N ALA B 135 -0.98 -31.98 -3.80
CA ALA B 135 -1.74 -31.04 -2.95
C ALA B 135 -0.87 -30.42 -1.85
N GLY B 136 -0.34 -29.24 -2.15
CA GLY B 136 0.62 -28.56 -1.28
C GLY B 136 0.59 -27.09 -1.61
N ILE B 137 1.46 -26.32 -0.98
CA ILE B 137 1.49 -24.86 -1.21
C ILE B 137 2.61 -24.60 -2.22
N TYR B 138 2.30 -23.86 -3.29
CA TYR B 138 3.16 -23.72 -4.44
C TYR B 138 3.84 -22.34 -4.47
N PHE B 139 5.12 -22.32 -4.87
CA PHE B 139 5.90 -21.10 -5.01
C PHE B 139 6.61 -21.09 -6.34
N ALA B 140 6.93 -19.89 -6.85
CA ALA B 140 7.61 -19.75 -8.14
C ALA B 140 8.88 -18.92 -8.09
N GLU B 141 9.86 -19.30 -8.92
CA GLU B 141 10.99 -18.44 -9.24
C GLU B 141 10.58 -17.32 -10.21
N ASN B 142 9.64 -17.59 -11.11
CA ASN B 142 9.13 -16.55 -12.02
C ASN B 142 8.01 -15.76 -11.35
N SER B 143 8.21 -14.46 -11.12
CA SER B 143 7.14 -13.64 -10.60
C SER B 143 5.86 -13.72 -11.45
N SER B 144 6.03 -13.80 -12.78
CA SER B 144 4.89 -13.87 -13.70
C SER B 144 4.09 -15.18 -13.59
N LYS B 145 4.69 -16.26 -13.09
CA LYS B 145 3.96 -17.49 -12.84
C LYS B 145 3.03 -17.26 -11.63
N SER B 146 3.56 -16.66 -10.57
CA SER B 146 2.73 -16.34 -9.40
C SER B 146 1.62 -15.35 -9.73
N ASN B 147 1.91 -14.40 -10.61
CA ASN B 147 0.91 -13.42 -11.06
C ASN B 147 -0.34 -14.11 -11.65
N GLN B 148 -0.17 -15.29 -12.24
CA GLN B 148 -1.30 -16.04 -12.76
C GLN B 148 -2.32 -16.51 -11.73
N TYR B 149 -1.99 -16.44 -10.43
CA TYR B 149 -2.82 -16.95 -9.35
C TYR B 149 -3.38 -15.85 -8.45
N VAL B 150 -3.08 -14.59 -8.78
CA VAL B 150 -3.53 -13.45 -7.94
C VAL B 150 -5.06 -13.38 -7.84
N TYR B 151 -5.72 -13.67 -8.95
CA TYR B 151 -7.18 -13.67 -9.01
C TYR B 151 -7.78 -15.07 -8.98
N GLY B 152 -6.99 -16.05 -8.53
CA GLY B 152 -7.45 -17.43 -8.40
C GLY B 152 -6.81 -18.35 -9.41
N ILE B 153 -7.13 -19.64 -9.33
CA ILE B 153 -6.59 -20.65 -10.26
C ILE B 153 -7.01 -20.28 -11.69
N GLY B 154 -6.05 -20.28 -12.62
CA GLY B 154 -6.34 -19.91 -13.98
C GLY B 154 -6.62 -18.42 -14.17
N GLY B 155 -6.32 -17.62 -13.15
CA GLY B 155 -6.71 -16.19 -13.13
C GLY B 155 -8.17 -15.92 -12.79
N GLY B 156 -8.92 -16.97 -12.41
CA GLY B 156 -10.35 -16.84 -12.11
C GLY B 156 -11.08 -16.07 -13.18
N THR B 157 -11.87 -15.08 -12.77
CA THR B 157 -12.56 -14.19 -13.68
C THR B 157 -11.86 -12.82 -13.76
N GLY B 158 -10.59 -12.75 -13.35
CA GLY B 158 -9.83 -11.52 -13.38
C GLY B 158 -10.19 -10.58 -12.23
N CYS B 159 -9.90 -9.31 -12.42
CA CYS B 159 -10.07 -8.33 -11.37
C CYS B 159 -11.55 -8.19 -11.01
N PRO B 160 -11.85 -7.90 -9.74
CA PRO B 160 -13.25 -7.73 -9.31
C PRO B 160 -14.01 -6.64 -10.07
N VAL B 161 -13.37 -5.51 -10.30
CA VAL B 161 -14.05 -4.34 -10.86
C VAL B 161 -14.37 -4.49 -12.36
N HIS B 162 -13.43 -5.03 -13.15
CA HIS B 162 -13.59 -5.07 -14.60
C HIS B 162 -13.74 -6.49 -15.17
N LYS B 163 -13.59 -7.51 -14.34
CA LYS B 163 -13.58 -8.92 -14.77
C LYS B 163 -12.58 -9.16 -15.92
N ASP B 164 -11.39 -8.61 -15.75
CA ASP B 164 -10.37 -8.57 -16.78
C ASP B 164 -9.10 -9.21 -16.20
N ARG B 165 -8.74 -10.41 -16.67
CA ARG B 165 -7.49 -11.03 -16.22
C ARG B 165 -6.23 -10.24 -16.63
N SER B 166 -6.35 -9.35 -17.63
CA SER B 166 -5.24 -8.52 -18.08
C SER B 166 -5.45 -7.06 -17.68
N CYS B 167 -6.17 -6.85 -16.58
CA CYS B 167 -6.45 -5.45 -16.13
C CYS B 167 -5.16 -4.70 -15.89
N TYR B 168 -5.03 -3.50 -16.48
CA TYR B 168 -3.85 -2.60 -16.29
C TYR B 168 -4.16 -1.48 -15.29
N ILE B 169 -5.38 -1.47 -14.78
CA ILE B 169 -5.82 -0.40 -13.85
C ILE B 169 -5.73 -0.86 -12.40
N CYS B 170 -6.31 -2.01 -12.11
CA CYS B 170 -6.49 -2.46 -10.74
C CYS B 170 -5.16 -2.92 -10.13
N HIS B 171 -4.98 -2.59 -8.87
CA HIS B 171 -3.79 -2.98 -8.09
C HIS B 171 -3.82 -4.45 -7.70
N ARG B 172 -2.69 -5.15 -7.87
CA ARG B 172 -2.47 -6.53 -7.49
C ARG B 172 -1.46 -6.60 -6.36
N GLN B 173 -1.45 -7.74 -5.66
CA GLN B 173 -0.47 -8.01 -4.61
C GLN B 173 0.15 -9.39 -4.81
N LEU B 174 1.48 -9.49 -4.59
CA LEU B 174 2.20 -10.77 -4.58
C LEU B 174 2.96 -10.81 -3.27
N LEU B 175 3.31 -12.02 -2.81
CA LEU B 175 4.21 -12.17 -1.69
C LEU B 175 5.57 -12.63 -2.20
N PHE B 176 6.65 -12.20 -1.54
CA PHE B 176 7.99 -12.71 -1.78
C PHE B 176 8.40 -13.32 -0.44
N CYS B 177 8.56 -14.64 -0.44
CA CYS B 177 8.54 -15.45 0.78
C CYS B 177 9.86 -16.17 1.02
N ARG B 178 10.20 -16.32 2.28
CA ARG B 178 11.28 -17.21 2.70
C ARG B 178 10.73 -18.63 2.79
N VAL B 179 11.33 -19.57 2.05
CA VAL B 179 10.77 -20.90 1.96
C VAL B 179 11.88 -21.93 2.27
N THR B 180 11.59 -22.86 3.20
CA THR B 180 12.55 -23.93 3.57
C THR B 180 12.24 -25.17 2.74
N LEU B 181 13.17 -25.54 1.87
CA LEU B 181 12.94 -26.70 0.97
C LEU B 181 13.46 -28.03 1.53
N GLY B 182 14.45 -27.94 2.40
CA GLY B 182 15.14 -29.16 2.88
C GLY B 182 15.61 -30.04 1.72
N LYS B 183 15.53 -31.34 1.93
CA LYS B 183 15.74 -32.30 0.84
C LYS B 183 14.57 -32.25 -0.13
N SER B 184 14.82 -31.73 -1.33
CA SER B 184 13.76 -31.51 -2.30
C SER B 184 13.76 -32.61 -3.36
N PHE B 185 12.60 -33.20 -3.60
CA PHE B 185 12.44 -34.19 -4.65
C PHE B 185 12.35 -33.52 -6.01
N LEU B 186 13.26 -33.86 -6.90
CA LEU B 186 13.26 -33.28 -8.22
C LEU B 186 12.32 -33.99 -9.19
N GLN B 187 11.34 -33.25 -9.68
CA GLN B 187 10.37 -33.76 -10.63
C GLN B 187 10.44 -32.94 -11.91
N PHE B 188 10.86 -33.54 -13.01
CA PHE B 188 10.83 -32.84 -14.27
C PHE B 188 9.40 -32.86 -14.79
N SER B 189 8.98 -31.79 -15.44
CA SER B 189 7.60 -31.70 -15.90
C SER B 189 7.61 -31.23 -17.32
N ALA B 190 6.65 -31.73 -18.09
CA ALA B 190 6.62 -31.50 -19.53
C ALA B 190 6.30 -30.05 -19.91
N MET B 191 6.10 -29.18 -18.91
CA MET B 191 5.81 -27.75 -19.16
C MET B 191 6.98 -26.98 -19.80
N MET C 1 4.02 17.60 -11.62
CA MET C 1 3.21 16.47 -11.17
C MET C 1 2.39 15.86 -12.33
N ALA C 2 1.75 14.73 -12.11
CA ALA C 2 1.06 14.01 -13.17
C ALA C 2 -0.22 14.73 -13.63
N HIS C 3 -0.90 14.17 -14.62
CA HIS C 3 -2.21 14.66 -15.05
C HIS C 3 -3.29 13.79 -14.43
N SER C 4 -4.47 14.40 -14.16
CA SER C 4 -5.68 13.65 -13.87
C SER C 4 -5.97 12.68 -14.99
N PRO C 5 -6.58 11.54 -14.67
CA PRO C 5 -7.03 10.64 -15.74
C PRO C 5 -7.94 11.39 -16.72
N PRO C 6 -7.85 11.11 -18.04
CA PRO C 6 -8.70 11.91 -18.93
C PRO C 6 -10.18 11.86 -18.57
N GLY C 7 -10.83 13.02 -18.66
CA GLY C 7 -12.25 13.13 -18.35
C GLY C 7 -12.55 13.20 -16.84
N HIS C 8 -11.51 13.38 -16.01
CA HIS C 8 -11.63 13.41 -14.53
C HIS C 8 -10.84 14.57 -13.92
N HIS C 9 -11.21 14.96 -12.70
CA HIS C 9 -10.54 16.09 -12.00
C HIS C 9 -9.72 15.69 -10.77
N SER C 10 -9.78 14.42 -10.41
CA SER C 10 -9.12 13.89 -9.21
C SER C 10 -9.18 12.39 -9.27
N VAL C 11 -8.51 11.74 -8.31
CA VAL C 11 -8.58 10.29 -8.13
C VAL C 11 -9.00 10.00 -6.67
N THR C 12 -9.85 8.99 -6.52
CA THR C 12 -10.27 8.49 -5.19
C THR C 12 -9.64 7.14 -4.97
N GLY C 13 -8.88 7.00 -3.89
CA GLY C 13 -8.38 5.71 -3.46
C GLY C 13 -9.34 5.10 -2.47
N ARG C 14 -10.15 4.14 -2.93
CA ARG C 14 -11.09 3.43 -2.08
CA ARG C 14 -11.09 3.43 -2.10
C ARG C 14 -10.41 2.26 -1.38
N PRO C 15 -10.49 2.21 -0.05
CA PRO C 15 -9.93 1.02 0.60
C PRO C 15 -10.67 -0.29 0.20
N SER C 16 -9.92 -1.35 -0.15
CA SER C 16 -10.50 -2.68 -0.58
C SER C 16 -10.09 -3.89 0.27
N VAL C 17 -9.42 -3.68 1.41
CA VAL C 17 -8.94 -4.77 2.27
C VAL C 17 -9.21 -4.47 3.75
N ASN C 18 -8.66 -3.33 4.21
CA ASN C 18 -8.97 -2.82 5.54
C ASN C 18 -10.34 -2.17 5.57
N GLY C 19 -11.27 -2.91 6.17
CA GLY C 19 -12.64 -2.44 6.26
C GLY C 19 -12.84 -1.25 7.13
N LEU C 20 -11.81 -0.85 7.92
CA LEU C 20 -11.98 0.34 8.75
C LEU C 20 -11.41 1.63 8.14
N ALA C 21 -10.61 1.51 7.09
CA ALA C 21 -9.96 2.70 6.52
C ALA C 21 -10.95 3.56 5.75
N LEU C 22 -10.83 4.87 5.89
CA LEU C 22 -11.56 5.79 5.03
C LEU C 22 -10.79 6.08 3.73
N ALA C 23 -11.47 6.73 2.80
CA ALA C 23 -10.91 7.05 1.50
C ALA C 23 -9.76 8.08 1.58
N GLU C 24 -8.93 8.03 0.56
CA GLU C 24 -7.86 8.99 0.30
C GLU C 24 -8.08 9.56 -1.10
N TYR C 25 -7.62 10.78 -1.33
CA TYR C 25 -7.89 11.49 -2.59
C TYR C 25 -6.64 12.17 -3.11
N VAL C 26 -6.54 12.29 -4.44
CA VAL C 26 -5.41 12.96 -5.08
C VAL C 26 -5.92 13.98 -6.08
N ILE C 27 -5.37 15.20 -5.99
CA ILE C 27 -5.56 16.24 -7.01
C ILE C 27 -4.23 16.52 -7.72
N TYR C 28 -4.34 17.03 -8.93
CA TYR C 28 -3.19 17.24 -9.79
C TYR C 28 -3.00 18.71 -10.15
N ARG C 29 -3.79 19.58 -9.53
CA ARG C 29 -3.70 21.01 -9.69
C ARG C 29 -3.78 21.59 -8.28
N GLY C 30 -2.76 22.34 -7.86
CA GLY C 30 -2.78 22.95 -6.51
C GLY C 30 -3.91 23.91 -6.26
N GLU C 31 -4.43 24.50 -7.34
CA GLU C 31 -5.61 25.38 -7.25
C GLU C 31 -6.90 24.70 -6.81
N GLN C 32 -6.94 23.36 -6.79
CA GLN C 32 -8.12 22.62 -6.32
C GLN C 32 -8.15 22.37 -4.80
N ALA C 33 -7.26 23.00 -4.03
CA ALA C 33 -7.35 22.93 -2.57
C ALA C 33 -7.02 24.27 -1.92
N TYR C 34 -7.72 24.56 -0.83
CA TYR C 34 -7.43 25.74 -0.01
C TYR C 34 -7.20 25.28 1.43
N PRO C 35 -6.09 25.69 2.05
CA PRO C 35 -5.76 25.24 3.39
C PRO C 35 -6.52 26.05 4.43
N GLU C 36 -7.74 25.64 4.76
CA GLU C 36 -8.63 26.51 5.53
C GLU C 36 -8.34 26.62 7.03
N TYR C 37 -7.93 25.51 7.64
CA TYR C 37 -7.60 25.49 9.08
C TYR C 37 -6.23 24.88 9.32
N LEU C 38 -5.49 25.52 10.21
CA LEU C 38 -4.20 25.03 10.71
C LEU C 38 -4.41 24.54 12.12
N ILE C 39 -4.20 23.24 12.33
CA ILE C 39 -4.46 22.60 13.62
C ILE C 39 -3.13 22.19 14.27
N THR C 40 -2.87 22.72 15.47
CA THR C 40 -1.67 22.39 16.25
C THR C 40 -2.07 21.42 17.36
N TYR C 41 -1.33 20.32 17.50
CA TYR C 41 -1.71 19.24 18.41
C TYR C 41 -0.54 18.39 18.87
N GLN C 42 -0.79 17.57 19.85
CA GLN C 42 0.05 16.42 20.21
C GLN C 42 -0.73 15.14 20.08
N ILE C 43 -0.05 14.07 19.71
CA ILE C 43 -0.64 12.75 19.86
C ILE C 43 -0.57 12.39 21.34
N MET C 44 -1.55 11.64 21.84
CA MET C 44 -1.62 11.27 23.25
C MET C 44 -1.29 9.81 23.47
N ARG C 45 -0.46 9.54 24.47
CA ARG C 45 -0.04 8.17 24.79
C ARG C 45 -1.24 7.42 25.40
N PRO C 46 -1.64 6.28 24.82
CA PRO C 46 -2.74 5.52 25.41
C PRO C 46 -2.47 5.15 26.87
N GLU C 47 -3.48 5.25 27.72
CA GLU C 47 -3.33 4.90 29.15
C GLU C 47 -3.89 3.52 29.41
N MET D 1 -4.12 -31.66 2.74
CA MET D 1 -2.74 -31.48 2.18
C MET D 1 -2.02 -32.83 2.11
N ALA D 2 -1.32 -33.09 1.00
CA ALA D 2 -0.57 -34.33 0.82
C ALA D 2 0.67 -34.34 1.71
N HIS D 3 1.40 -35.45 1.70
CA HIS D 3 2.66 -35.53 2.41
C HIS D 3 3.78 -35.40 1.41
N SER D 4 4.92 -34.94 1.90
CA SER D 4 6.13 -34.90 1.08
C SER D 4 6.48 -36.32 0.69
N PRO D 5 7.22 -36.47 -0.42
CA PRO D 5 7.80 -37.76 -0.73
C PRO D 5 8.61 -38.28 0.46
N PRO D 6 8.55 -39.60 0.73
CA PRO D 6 9.30 -40.12 1.88
C PRO D 6 10.79 -39.72 1.85
N GLY D 7 11.26 -39.23 2.99
CA GLY D 7 12.65 -38.81 3.12
C GLY D 7 12.89 -37.40 2.60
N HIS D 8 11.85 -36.75 2.08
CA HIS D 8 11.97 -35.39 1.48
C HIS D 8 11.08 -34.37 2.20
N HIS D 9 11.38 -33.09 2.00
CA HIS D 9 10.65 -32.00 2.68
C HIS D 9 9.91 -31.08 1.70
N SER D 10 10.07 -31.32 0.41
CA SER D 10 9.48 -30.51 -0.62
C SER D 10 9.67 -31.19 -1.96
N VAL D 11 9.05 -30.61 -2.98
CA VAL D 11 9.22 -31.02 -4.37
C VAL D 11 9.66 -29.84 -5.21
N THR D 12 10.60 -30.09 -6.12
CA THR D 12 11.03 -29.11 -7.11
C THR D 12 10.45 -29.53 -8.45
N GLY D 13 9.56 -28.70 -9.01
CA GLY D 13 8.98 -28.98 -10.31
C GLY D 13 9.77 -28.22 -11.34
N ARG D 14 10.50 -28.93 -12.20
CA ARG D 14 11.38 -28.26 -13.13
C ARG D 14 10.96 -28.45 -14.58
N PRO D 15 10.51 -27.36 -15.23
CA PRO D 15 10.07 -27.45 -16.61
C PRO D 15 11.19 -27.97 -17.52
N SER D 16 10.90 -29.02 -18.26
CA SER D 16 11.87 -29.67 -19.13
C SER D 16 11.72 -29.33 -20.62
N VAL D 17 10.61 -28.71 -21.03
CA VAL D 17 10.39 -28.34 -22.44
C VAL D 17 10.71 -26.86 -22.69
N ASN D 18 10.05 -25.97 -21.96
CA ASN D 18 10.36 -24.54 -22.05
C ASN D 18 11.64 -24.24 -21.27
N GLY D 19 12.71 -23.99 -22.01
CA GLY D 19 14.00 -23.72 -21.41
C GLY D 19 14.12 -22.39 -20.67
N LEU D 20 13.18 -21.47 -20.89
CA LEU D 20 13.19 -20.19 -20.20
C LEU D 20 12.25 -20.18 -18.97
N ALA D 21 11.57 -21.29 -18.74
CA ALA D 21 10.69 -21.36 -17.59
C ALA D 21 11.52 -21.77 -16.39
N LEU D 22 11.40 -21.01 -15.30
CA LEU D 22 12.09 -21.35 -14.05
C LEU D 22 11.30 -22.36 -13.21
N ALA D 23 11.89 -22.82 -12.12
CA ALA D 23 11.30 -23.88 -11.32
C ALA D 23 10.13 -23.40 -10.46
N GLU D 24 9.29 -24.37 -10.09
CA GLU D 24 8.16 -24.19 -9.18
C GLU D 24 8.42 -25.16 -8.04
N TYR D 25 8.00 -24.79 -6.84
CA TYR D 25 8.33 -25.60 -5.66
C TYR D 25 7.06 -25.77 -4.84
N VAL D 26 6.99 -26.94 -4.18
CA VAL D 26 5.82 -27.30 -3.40
C VAL D 26 6.28 -27.72 -2.02
N ILE D 27 5.66 -27.15 -1.00
CA ILE D 27 5.81 -27.59 0.38
C ILE D 27 4.48 -28.11 0.91
N TYR D 28 4.55 -28.99 1.90
CA TYR D 28 3.38 -29.68 2.42
C TYR D 28 3.15 -29.37 3.90
N ARG D 29 3.87 -28.38 4.42
CA ARG D 29 3.69 -27.87 5.77
C ARG D 29 3.75 -26.36 5.66
N GLY D 30 2.72 -25.66 6.12
CA GLY D 30 2.69 -24.19 6.08
C GLY D 30 3.83 -23.55 6.85
N GLU D 31 4.31 -24.22 7.89
CA GLU D 31 5.41 -23.72 8.70
C GLU D 31 6.74 -23.60 7.98
N GLN D 32 6.84 -24.16 6.76
CA GLN D 32 8.04 -24.06 5.94
C GLN D 32 8.08 -22.82 5.02
N ALA D 33 7.19 -21.87 5.23
CA ALA D 33 7.24 -20.59 4.51
C ALA D 33 6.86 -19.41 5.41
N TYR D 34 7.50 -18.27 5.18
CA TYR D 34 7.20 -17.03 5.94
C TYR D 34 6.99 -15.93 4.90
N PRO D 35 5.86 -15.19 4.95
CA PRO D 35 5.55 -14.18 3.93
C PRO D 35 6.31 -12.88 4.16
N GLU D 36 7.55 -12.82 3.72
CA GLU D 36 8.45 -11.73 4.15
C GLU D 36 8.13 -10.33 3.57
N TYR D 37 7.78 -10.27 2.30
CA TYR D 37 7.45 -9.02 1.63
C TYR D 37 6.08 -9.10 0.94
N LEU D 38 5.36 -7.99 1.01
CA LEU D 38 4.07 -7.81 0.34
C LEU D 38 4.28 -6.72 -0.69
N ILE D 39 4.10 -7.10 -1.95
CA ILE D 39 4.38 -6.25 -3.08
C ILE D 39 3.05 -5.87 -3.75
N THR D 40 2.81 -4.55 -3.86
CA THR D 40 1.65 -4.02 -4.55
C THR D 40 2.09 -3.46 -5.89
N TYR D 41 1.36 -3.81 -6.96
CA TYR D 41 1.80 -3.52 -8.31
C TYR D 41 0.64 -3.50 -9.32
N GLN D 42 0.92 -2.96 -10.49
CA GLN D 42 0.10 -3.14 -11.69
C GLN D 42 0.95 -3.85 -12.75
N ILE D 43 0.32 -4.66 -13.59
CA ILE D 43 0.99 -5.08 -14.83
C ILE D 43 0.94 -3.89 -15.81
N MET D 44 1.96 -3.76 -16.66
CA MET D 44 2.04 -2.69 -17.67
C MET D 44 1.73 -3.17 -19.09
N ARG D 45 0.89 -2.42 -19.80
CA ARG D 45 0.57 -2.72 -21.19
C ARG D 45 1.84 -2.47 -22.04
N PRO D 46 2.27 -3.46 -22.84
CA PRO D 46 3.44 -3.28 -23.71
C PRO D 46 3.18 -2.16 -24.74
N GLU D 47 4.20 -1.38 -25.07
CA GLU D 47 4.04 -0.24 -25.99
C GLU D 47 4.37 -0.62 -27.41
ZN ZN E . 9.89 15.31 20.03
S SO4 F . -2.28 2.08 6.82
S SO4 F . -2.60 2.11 6.50
O1 SO4 F . -2.72 3.37 6.22
O1 SO4 F . -2.14 3.46 6.88
O2 SO4 F . -1.08 2.29 7.65
O2 SO4 F . -3.72 2.11 5.52
O3 SO4 F . -1.95 1.17 5.70
O3 SO4 F . -1.44 1.39 5.93
O4 SO4 F . -3.35 1.47 7.65
O4 SO4 F . -3.05 1.44 7.74
S SO4 G . -6.65 6.52 25.53
O1 SO4 G . -8.07 6.80 25.85
O2 SO4 G . -5.97 5.87 26.67
O3 SO4 G . -5.95 7.78 25.16
O4 SO4 G . -6.62 5.59 24.38
CAA BJ4 H . -0.52 8.21 0.33
OAB BJ4 H . -0.19 9.59 0.67
CAC BJ4 H . -1.14 10.22 1.45
CAD BJ4 H . -2.40 9.72 1.74
CAE BJ4 H . -3.29 10.44 2.55
CAF BJ4 H . -2.88 11.68 3.06
CAG BJ4 H . -1.63 12.18 2.78
CAH BJ4 H . -0.74 11.46 1.97
NAI BJ4 H . 0.46 11.94 1.64
CAJ BJ4 H . 0.90 13.11 2.11
NAK BJ4 H . 0.06 13.85 2.98
CAL BJ4 H . -1.18 13.41 3.34
OAM BJ4 H . -1.86 14.07 4.13
CAN BJ4 H . 2.16 13.62 1.73
CAO BJ4 H . 2.51 14.97 1.91
CAP BJ4 H . 3.75 15.48 1.51
CAQ BJ4 H . 4.65 14.64 0.86
CAR BJ4 H . 5.92 15.13 0.43
CAS BJ4 H . 4.29 13.31 0.61
CAT BJ4 H . 3.07 12.80 1.05
C1 GOL I . -2.69 2.52 17.01
O1 GOL I . -2.13 3.78 17.38
C2 GOL I . -1.60 1.63 16.41
O2 GOL I . -1.84 0.25 16.75
C3 GOL I . -1.68 1.74 14.91
O3 GOL I . -1.84 3.10 14.51
C1 GOL J . -13.58 6.46 11.76
O1 GOL J . -12.20 6.67 12.10
C2 GOL J . -13.77 5.04 11.26
O2 GOL J . -14.53 4.22 12.20
C3 GOL J . -12.39 4.44 11.09
O3 GOL J . -11.68 5.02 9.98
ZN ZN K . -9.66 -3.97 -13.12
S SO4 L . 3.15 -21.62 -18.48
O1 SO4 L . 2.37 -20.64 -17.71
O2 SO4 L . 4.11 -22.31 -17.59
O3 SO4 L . 3.98 -20.98 -19.52
O4 SO4 L . 2.29 -22.69 -18.99
CAA BJ4 M . 1.09 -24.59 -10.32
OAB BJ4 M . 0.76 -23.71 -9.20
CAC BJ4 M . 1.66 -22.71 -8.93
CAD BJ4 M . 2.95 -22.64 -9.45
CAE BJ4 M . 3.79 -21.57 -9.07
CAF BJ4 M . 3.32 -20.56 -8.21
CAG BJ4 M . 2.05 -20.65 -7.70
CAH BJ4 M . 1.22 -21.72 -8.04
NAI BJ4 M . -0.03 -21.82 -7.50
CAJ BJ4 M . -0.52 -20.88 -6.64
NAK BJ4 M . 0.31 -19.78 -6.32
CAL BJ4 M . 1.56 -19.64 -6.84
OAM BJ4 M . 2.21 -18.61 -6.55
CAN BJ4 M . -1.79 -21.01 -6.07
CAO BJ4 M . -2.66 -22.01 -6.53
CAP BJ4 M . -3.91 -22.20 -5.94
CAQ BJ4 M . -4.33 -21.41 -4.88
CAR BJ4 M . -5.60 -21.59 -4.30
CAS BJ4 M . -3.46 -20.44 -4.39
CAT BJ4 M . -2.20 -20.25 -4.96
C1 GOL N . -13.88 -4.59 3.69
O1 GOL N . -12.50 -4.91 3.59
C2 GOL N . -14.23 -3.47 2.72
O2 GOL N . -15.20 -4.00 1.76
C3 GOL N . -12.97 -2.93 2.03
O3 GOL N . -12.22 -2.05 2.91
S SO4 O . 7.22 -2.72 -22.79
O1 SO4 O . 6.40 -2.62 -21.54
O2 SO4 O . 8.65 -2.57 -22.44
O3 SO4 O . 6.76 -1.68 -23.73
O4 SO4 O . 7.02 -4.00 -23.49
#